data_3TB4
#
_entry.id   3TB4
#
_cell.length_a   55.657
_cell.length_b   55.657
_cell.length_c   118.746
_cell.angle_alpha   90.00
_cell.angle_beta   90.00
_cell.angle_gamma   120.00
#
_symmetry.space_group_name_H-M   'P 32 2 1'
#
loop_
_entity.id
_entity.type
_entity.pdbx_description
1 polymer 'Vibriobactin-specific isochorismatase'
2 non-polymer 'octyl beta-D-glucopyranoside'
3 non-polymer 'TRIETHYLENE GLYCOL'
4 non-polymer 1,2-ETHANEDIOL
5 non-polymer DI(HYDROXYETHYL)ETHER
6 non-polymer 'CALCIUM ION'
7 water water
#
_entity_poly.entity_id   1
_entity_poly.type   'polypeptide(L)'
_entity_poly.pdbx_seq_one_letter_code
;MAIPKIASYPLPVSLPTNKVDWRIDASRAVLLIHDMQEYFVHYFDSQAEPIPSLIKHIQQLKAHAKQAGIPVVYTAQPAN
QDPAERALLSDFWGPGLSEETAIIAPLAPESGDVQLTKWRYSAFKKSPLLDWLRETGRDQLIITGVYAHIGILSTALDAF
MFDIQPFVIGDGVADFSLSDHEFSLRYISGRTGAVKSTQQACLEIAAQHSKLTGLLEHHHHHH
;
_entity_poly.pdbx_strand_id   A
#
loop_
_chem_comp.id
_chem_comp.type
_chem_comp.name
_chem_comp.formula
BOG D-saccharide 'octyl beta-D-glucopyranoside' 'C14 H28 O6'
CA non-polymer 'CALCIUM ION' 'Ca 2'
EDO non-polymer 1,2-ETHANEDIOL 'C2 H6 O2'
PEG non-polymer DI(HYDROXYETHYL)ETHER 'C4 H10 O3'
PGE non-polymer 'TRIETHYLENE GLYCOL' 'C6 H14 O4'
#
# COMPACT_ATOMS: atom_id res chain seq x y z
N ILE A 3 -16.43 18.92 -5.96
CA ILE A 3 -16.80 17.51 -6.06
C ILE A 3 -15.55 16.64 -6.21
N PRO A 4 -15.34 15.70 -5.28
CA PRO A 4 -14.16 14.84 -5.40
C PRO A 4 -14.29 13.90 -6.61
N LYS A 5 -13.16 13.52 -7.19
CA LYS A 5 -13.15 12.58 -8.28
C LYS A 5 -13.60 11.19 -7.84
N ILE A 6 -13.27 10.84 -6.61
CA ILE A 6 -13.65 9.57 -6.03
C ILE A 6 -14.73 9.81 -5.00
N ALA A 7 -15.94 9.30 -5.27
CA ALA A 7 -17.06 9.52 -4.39
C ALA A 7 -16.84 8.77 -3.08
N SER A 8 -17.35 9.33 -1.99
CA SER A 8 -17.21 8.73 -0.67
CA SER A 8 -17.19 8.73 -0.67
C SER A 8 -17.79 7.32 -0.64
N TYR A 9 -17.10 6.42 0.05
CA TYR A 9 -17.62 5.09 0.28
C TYR A 9 -17.02 4.55 1.56
N PRO A 10 -17.72 3.60 2.20
CA PRO A 10 -17.25 3.06 3.48
C PRO A 10 -16.20 1.96 3.27
N LEU A 11 -15.14 1.97 4.07
CA LEU A 11 -14.15 0.91 4.01
C LEU A 11 -14.84 -0.41 4.29
N PRO A 12 -14.48 -1.45 3.52
CA PRO A 12 -15.09 -2.75 3.79
C PRO A 12 -14.72 -3.26 5.18
N VAL A 13 -15.70 -3.83 5.86
CA VAL A 13 -15.45 -4.52 7.11
C VAL A 13 -15.35 -6.03 6.89
N SER A 14 -16.23 -6.54 6.03
CA SER A 14 -16.20 -7.93 5.64
C SER A 14 -15.15 -8.13 4.58
N LEU A 15 -14.29 -9.10 4.78
CA LEU A 15 -13.21 -9.33 3.85
C LEU A 15 -13.30 -10.76 3.28
N PRO A 16 -12.73 -10.97 2.11
CA PRO A 16 -12.80 -12.31 1.53
C PRO A 16 -11.98 -13.29 2.35
N THR A 17 -12.33 -14.56 2.23
CA THR A 17 -11.59 -15.59 2.92
C THR A 17 -10.30 -15.88 2.18
N ASN A 18 -9.28 -16.28 2.91
CA ASN A 18 -7.99 -16.65 2.34
C ASN A 18 -7.85 -18.13 2.07
N LYS A 19 -7.13 -18.46 1.02
CA LYS A 19 -6.78 -19.83 0.68
C LYS A 19 -5.57 -20.31 1.45
N VAL A 20 -4.83 -19.36 2.02
CA VAL A 20 -3.58 -19.69 2.68
C VAL A 20 -3.74 -19.41 4.16
N ASP A 21 -2.93 -20.07 4.98
CA ASP A 21 -2.96 -19.95 6.42
C ASP A 21 -1.85 -19.08 6.97
N TRP A 22 -1.23 -18.28 6.11
CA TRP A 22 -0.09 -17.48 6.53
C TRP A 22 -0.46 -16.51 7.65
N ARG A 23 0.50 -16.26 8.53
CA ARG A 23 0.34 -15.29 9.61
C ARG A 23 1.54 -14.37 9.62
N ILE A 24 1.28 -13.08 9.84
CA ILE A 24 2.36 -12.14 9.93
C ILE A 24 3.29 -12.48 11.12
N ASP A 25 4.59 -12.47 10.84
CA ASP A 25 5.63 -12.73 11.85
C ASP A 25 6.54 -11.50 11.87
N ALA A 26 6.64 -10.85 13.04
CA ALA A 26 7.43 -9.64 13.17
C ALA A 26 8.90 -9.77 12.76
N SER A 27 9.44 -10.98 12.87
CA SER A 27 10.83 -11.23 12.47
C SER A 27 11.01 -11.35 10.95
N ARG A 28 9.90 -11.53 10.23
CA ARG A 28 9.94 -11.76 8.78
C ARG A 28 9.41 -10.61 7.94
N ALA A 29 8.66 -9.69 8.56
CA ALA A 29 7.82 -8.76 7.83
C ALA A 29 8.37 -7.35 7.69
N VAL A 30 7.87 -6.67 6.66
CA VAL A 30 8.10 -5.27 6.41
C VAL A 30 6.73 -4.66 6.13
N LEU A 31 6.47 -3.47 6.69
CA LEU A 31 5.27 -2.71 6.38
C LEU A 31 5.50 -1.71 5.26
N LEU A 32 4.80 -1.90 4.15
CA LEU A 32 4.85 -0.95 3.04
C LEU A 32 3.65 0.00 3.11
N ILE A 33 3.93 1.30 3.10
CA ILE A 33 2.89 2.34 3.01
C ILE A 33 3.02 2.89 1.59
N HIS A 34 2.07 2.48 0.74
CA HIS A 34 2.17 2.66 -0.70
C HIS A 34 1.44 3.91 -1.19
N ASP A 35 2.24 4.86 -1.68
CA ASP A 35 1.78 6.06 -2.38
C ASP A 35 0.75 6.88 -1.60
N MET A 36 0.93 7.02 -0.29
CA MET A 36 0.05 7.86 0.51
C MET A 36 0.50 9.32 0.46
N GLN A 37 0.54 9.83 -0.77
CA GLN A 37 0.95 11.18 -1.06
C GLN A 37 -0.26 12.11 -1.16
N GLU A 38 -0.05 13.38 -0.85
CA GLU A 38 -1.10 14.38 -0.97
C GLU A 38 -1.79 14.30 -2.31
N TYR A 39 -1.01 14.12 -3.36
CA TYR A 39 -1.55 14.09 -4.71
C TYR A 39 -2.67 13.05 -4.87
N PHE A 40 -2.41 11.83 -4.40
CA PHE A 40 -3.36 10.73 -4.59
C PHE A 40 -4.54 10.82 -3.63
N VAL A 41 -4.29 11.32 -2.43
CA VAL A 41 -5.34 11.42 -1.44
C VAL A 41 -6.35 12.53 -1.84
N HIS A 42 -5.88 13.54 -2.57
CA HIS A 42 -6.73 14.66 -2.96
C HIS A 42 -7.78 14.31 -4.01
N TYR A 43 -7.70 13.12 -4.60
CA TYR A 43 -8.79 12.64 -5.47
C TYR A 43 -10.03 12.26 -4.66
N PHE A 44 -9.87 12.10 -3.35
CA PHE A 44 -10.97 11.89 -2.43
C PHE A 44 -11.27 13.20 -1.70
N ASP A 45 -12.48 13.31 -1.13
CA ASP A 45 -12.74 14.21 -0.02
C ASP A 45 -12.10 13.53 1.22
N SER A 46 -11.00 14.09 1.72
CA SER A 46 -10.26 13.42 2.79
CA SER A 46 -10.22 13.49 2.80
C SER A 46 -10.97 13.45 4.13
N GLN A 47 -12.01 14.28 4.24
CA GLN A 47 -12.80 14.33 5.47
C GLN A 47 -13.95 13.33 5.44
N ALA A 48 -14.13 12.67 4.29
CA ALA A 48 -15.19 11.68 4.10
C ALA A 48 -14.64 10.26 3.98
N GLU A 49 -15.49 9.31 4.35
CA GLU A 49 -15.15 7.89 4.22
CA GLU A 49 -15.16 7.89 4.22
C GLU A 49 -14.71 7.64 2.77
N PRO A 50 -13.70 6.79 2.57
CA PRO A 50 -13.01 5.92 3.54
C PRO A 50 -11.74 6.51 4.17
N ILE A 51 -11.50 7.80 3.96
CA ILE A 51 -10.17 8.33 4.24
C ILE A 51 -9.81 8.47 5.73
N PRO A 52 -10.70 9.04 6.57
CA PRO A 52 -10.36 9.12 8.00
C PRO A 52 -10.04 7.75 8.61
N SER A 53 -10.82 6.72 8.29
CA SER A 53 -10.58 5.40 8.86
CA SER A 53 -10.60 5.39 8.85
C SER A 53 -9.35 4.75 8.23
N LEU A 54 -9.15 4.99 6.94
CA LEU A 54 -7.94 4.48 6.29
C LEU A 54 -6.70 4.97 7.01
N ILE A 55 -6.67 6.27 7.30
CA ILE A 55 -5.51 6.88 7.89
C ILE A 55 -5.33 6.37 9.32
N LYS A 56 -6.41 6.32 10.09
CA LYS A 56 -6.35 5.77 11.44
CA LYS A 56 -6.35 5.77 11.44
C LYS A 56 -5.77 4.35 11.43
N HIS A 57 -6.24 3.52 10.51
CA HIS A 57 -5.76 2.14 10.43
C HIS A 57 -4.28 2.05 10.08
N ILE A 58 -3.84 2.84 9.11
CA ILE A 58 -2.43 2.83 8.77
C ILE A 58 -1.57 3.35 9.92
N GLN A 59 -2.07 4.36 10.62
CA GLN A 59 -1.38 4.87 11.80
C GLN A 59 -1.22 3.79 12.86
N GLN A 60 -2.27 3.01 13.05
CA GLN A 60 -2.27 1.95 14.05
C GLN A 60 -1.27 0.87 13.66
N LEU A 61 -1.30 0.48 12.38
CA LEU A 61 -0.39 -0.55 11.89
C LEU A 61 1.03 -0.08 12.01
N LYS A 62 1.29 1.19 11.68
CA LYS A 62 2.63 1.72 11.76
C LYS A 62 3.11 1.72 13.21
N ALA A 63 2.26 2.12 14.14
CA ALA A 63 2.63 2.14 15.55
C ALA A 63 2.91 0.72 16.06
N HIS A 64 2.10 -0.25 15.66
CA HIS A 64 2.31 -1.63 16.10
C HIS A 64 3.58 -2.20 15.47
N ALA A 65 3.82 -1.88 14.20
CA ALA A 65 5.00 -2.34 13.50
C ALA A 65 6.26 -1.82 14.19
N LYS A 66 6.27 -0.53 14.51
CA LYS A 66 7.39 0.07 15.22
C LYS A 66 7.65 -0.67 16.53
N GLN A 67 6.61 -0.90 17.30
CA GLN A 67 6.75 -1.53 18.62
C GLN A 67 7.27 -2.96 18.50
N ALA A 68 6.96 -3.60 17.38
CA ALA A 68 7.31 -5.00 17.17
C ALA A 68 8.63 -5.19 16.45
N GLY A 69 9.24 -4.08 15.99
CA GLY A 69 10.51 -4.14 15.27
C GLY A 69 10.39 -4.43 13.77
N ILE A 70 9.20 -4.18 13.23
CA ILE A 70 8.96 -4.33 11.78
C ILE A 70 9.36 -3.04 11.04
N PRO A 71 10.32 -3.15 10.10
CA PRO A 71 10.69 -1.95 9.32
C PRO A 71 9.50 -1.44 8.52
N VAL A 72 9.47 -0.14 8.34
CA VAL A 72 8.46 0.54 7.57
C VAL A 72 9.11 1.17 6.35
N VAL A 73 8.51 0.93 5.20
CA VAL A 73 8.97 1.50 3.96
CA VAL A 73 8.97 1.46 3.94
C VAL A 73 7.83 2.22 3.26
N TYR A 74 8.11 3.43 2.78
CA TYR A 74 7.17 4.21 2.00
C TYR A 74 7.55 4.16 0.53
N THR A 75 6.55 4.24 -0.34
CA THR A 75 6.79 4.54 -1.75
C THR A 75 6.13 5.88 -2.11
N ALA A 76 6.73 6.59 -3.05
CA ALA A 76 6.20 7.88 -3.51
C ALA A 76 6.60 8.08 -4.96
N GLN A 77 5.64 8.48 -5.78
CA GLN A 77 5.92 8.82 -7.16
C GLN A 77 6.57 10.19 -7.20
N PRO A 78 7.62 10.33 -8.02
CA PRO A 78 8.35 11.59 -8.09
C PRO A 78 7.65 12.65 -8.95
N ALA A 79 7.90 13.92 -8.66
CA ALA A 79 7.39 15.03 -9.44
C ALA A 79 8.11 15.10 -10.78
N ASN A 80 7.37 15.50 -11.81
CA ASN A 80 7.96 15.77 -13.10
C ASN A 80 8.81 14.63 -13.62
N GLN A 81 8.25 13.43 -13.58
CA GLN A 81 8.92 12.24 -14.08
CA GLN A 81 8.93 12.26 -14.08
C GLN A 81 9.31 12.49 -15.53
N ASP A 82 10.58 12.22 -15.85
CA ASP A 82 11.08 12.41 -17.19
C ASP A 82 10.24 11.61 -18.19
N PRO A 83 9.80 12.25 -19.28
CA PRO A 83 8.90 11.58 -20.22
C PRO A 83 9.46 10.27 -20.81
N ALA A 84 10.73 10.28 -21.19
CA ALA A 84 11.34 9.09 -21.77
C ALA A 84 11.32 7.98 -20.74
N GLU A 85 11.63 8.33 -19.50
CA GLU A 85 11.71 7.32 -18.45
C GLU A 85 10.32 6.84 -18.04
N ARG A 86 9.35 7.75 -17.97
CA ARG A 86 7.97 7.42 -17.61
C ARG A 86 7.33 6.50 -18.64
N ALA A 87 7.76 6.66 -19.88
CA ALA A 87 7.42 5.73 -20.96
C ALA A 87 5.89 5.52 -21.10
N LEU A 88 5.44 4.27 -21.14
CA LEU A 88 4.07 3.98 -21.52
C LEU A 88 3.02 4.46 -20.51
N LEU A 89 3.43 4.76 -19.27
CA LEU A 89 2.49 5.29 -18.29
C LEU A 89 1.79 6.52 -18.79
N SER A 90 2.49 7.35 -19.57
CA SER A 90 1.90 8.61 -20.02
C SER A 90 0.73 8.38 -20.94
N ASP A 91 0.72 7.27 -21.67
CA ASP A 91 -0.38 6.95 -22.55
C ASP A 91 -1.64 6.59 -21.77
N PHE A 92 -1.50 6.21 -20.50
CA PHE A 92 -2.65 5.89 -19.67
C PHE A 92 -3.08 6.99 -18.70
N TRP A 93 -2.14 7.87 -18.32
CA TRP A 93 -2.37 8.80 -17.22
C TRP A 93 -1.94 10.23 -17.50
N GLY A 94 -1.27 10.45 -18.64
CA GLY A 94 -0.69 11.75 -18.90
C GLY A 94 0.65 11.96 -18.20
N PRO A 95 1.11 13.21 -18.06
CA PRO A 95 2.50 13.50 -17.62
C PRO A 95 2.85 13.17 -16.18
N GLY A 96 1.86 12.99 -15.33
CA GLY A 96 2.15 12.62 -13.94
C GLY A 96 2.16 13.86 -13.06
N LEU A 97 2.54 13.69 -11.80
CA LEU A 97 2.38 14.76 -10.84
CA LEU A 97 2.35 14.77 -10.87
C LEU A 97 3.50 15.77 -10.95
N SER A 98 3.17 17.03 -10.65
CA SER A 98 4.15 18.09 -10.65
C SER A 98 4.30 18.70 -9.27
N GLU A 99 3.41 18.33 -8.36
CA GLU A 99 3.34 18.91 -7.03
C GLU A 99 2.56 17.92 -6.15
N GLU A 100 2.39 18.25 -4.88
CA GLU A 100 1.66 17.41 -3.93
C GLU A 100 2.36 16.06 -3.74
N THR A 101 3.70 16.05 -3.81
CA THR A 101 4.44 14.79 -3.73
C THR A 101 4.64 14.30 -2.30
N ALA A 102 4.46 15.18 -1.32
CA ALA A 102 4.74 14.85 0.07
C ALA A 102 3.82 13.73 0.55
N ILE A 103 4.37 12.84 1.38
CA ILE A 103 3.57 11.90 2.15
CA ILE A 103 3.53 11.89 2.08
C ILE A 103 2.63 12.70 3.03
N ILE A 104 1.37 12.29 3.13
CA ILE A 104 0.43 13.05 3.93
C ILE A 104 0.91 13.13 5.39
N ALA A 105 0.72 14.30 5.99
CA ALA A 105 1.32 14.59 7.30
C ALA A 105 0.94 13.57 8.39
N PRO A 106 -0.32 13.12 8.42
CA PRO A 106 -0.66 12.17 9.50
C PRO A 106 0.13 10.86 9.41
N LEU A 107 0.76 10.59 8.26
CA LEU A 107 1.56 9.37 8.07
C LEU A 107 3.02 9.74 7.82
N ALA A 108 3.46 10.88 8.33
CA ALA A 108 4.81 11.36 8.13
C ALA A 108 5.86 10.28 8.37
N PRO A 109 6.74 10.04 7.39
CA PRO A 109 7.85 9.13 7.62
C PRO A 109 8.73 9.62 8.75
N GLU A 110 9.23 8.67 9.54
CA GLU A 110 10.16 8.97 10.62
C GLU A 110 11.59 8.69 10.19
N SER A 111 12.56 9.00 11.05
CA SER A 111 13.93 9.11 10.59
C SER A 111 14.47 7.78 10.03
N GLY A 112 14.00 6.65 10.58
CA GLY A 112 14.50 5.35 10.20
C GLY A 112 13.66 4.65 9.15
N ASP A 113 12.58 5.29 8.69
CA ASP A 113 11.71 4.69 7.70
C ASP A 113 12.29 4.89 6.30
N VAL A 114 12.34 3.84 5.50
CA VAL A 114 12.88 3.93 4.15
C VAL A 114 11.86 4.59 3.22
N GLN A 115 12.34 5.42 2.30
CA GLN A 115 11.49 6.05 1.30
C GLN A 115 12.01 5.70 -0.07
N LEU A 116 11.21 4.93 -0.80
CA LEU A 116 11.54 4.52 -2.15
C LEU A 116 10.83 5.37 -3.16
N THR A 117 11.50 5.61 -4.27
CA THR A 117 10.87 6.23 -5.42
C THR A 117 10.10 5.19 -6.21
N LYS A 118 8.88 5.55 -6.57
CA LYS A 118 7.93 4.68 -7.24
C LYS A 118 7.87 5.04 -8.72
N TRP A 119 8.38 4.15 -9.57
CA TRP A 119 8.45 4.40 -11.02
C TRP A 119 7.34 3.75 -11.85
N ARG A 120 6.75 2.67 -11.34
CA ARG A 120 5.76 1.89 -12.04
C ARG A 120 4.69 1.46 -11.05
N TYR A 121 3.72 0.70 -11.52
CA TYR A 121 2.65 0.25 -10.64
C TYR A 121 3.22 -0.58 -9.47
N SER A 122 4.15 -1.47 -9.78
CA SER A 122 4.76 -2.31 -8.77
C SER A 122 5.90 -1.56 -8.11
N ALA A 123 5.94 -1.58 -6.77
CA ALA A 123 7.01 -0.95 -6.01
C ALA A 123 8.38 -1.59 -6.27
N PHE A 124 8.37 -2.82 -6.80
CA PHE A 124 9.63 -3.52 -7.09
C PHE A 124 10.36 -2.99 -8.32
N LYS A 125 9.62 -2.46 -9.28
CA LYS A 125 10.21 -2.09 -10.57
C LYS A 125 11.18 -0.92 -10.46
N LYS A 126 12.40 -1.14 -10.94
CA LYS A 126 13.45 -0.11 -10.96
C LYS A 126 13.76 0.42 -9.56
N SER A 127 13.54 -0.40 -8.55
CA SER A 127 13.78 -0.01 -7.18
C SER A 127 14.65 -1.06 -6.49
N PRO A 128 15.24 -0.71 -5.34
CA PRO A 128 16.04 -1.68 -4.58
C PRO A 128 15.23 -2.55 -3.61
N LEU A 129 13.90 -2.53 -3.73
CA LEU A 129 13.05 -3.23 -2.76
C LEU A 129 13.39 -4.72 -2.65
N LEU A 130 13.45 -5.42 -3.78
CA LEU A 130 13.71 -6.87 -3.74
C LEU A 130 15.08 -7.17 -3.12
N ASP A 131 16.10 -6.44 -3.55
CA ASP A 131 17.44 -6.66 -3.03
C ASP A 131 17.51 -6.43 -1.52
N TRP A 132 16.81 -5.41 -1.04
CA TRP A 132 16.79 -5.09 0.39
CA TRP A 132 16.83 -5.10 0.37
C TRP A 132 16.09 -6.17 1.20
N LEU A 133 14.97 -6.66 0.69
CA LEU A 133 14.23 -7.73 1.36
C LEU A 133 15.10 -8.98 1.43
N ARG A 134 15.74 -9.32 0.32
CA ARG A 134 16.57 -10.52 0.27
C ARG A 134 17.83 -10.41 1.12
N GLU A 135 18.44 -9.22 1.12
CA GLU A 135 19.65 -8.97 1.91
CA GLU A 135 19.66 -9.04 1.90
C GLU A 135 19.34 -9.12 3.39
N THR A 136 18.16 -8.64 3.79
CA THR A 136 17.76 -8.65 5.20
C THR A 136 17.07 -9.92 5.63
N GLY A 137 16.71 -10.77 4.66
CA GLY A 137 16.02 -12.01 4.96
C GLY A 137 14.55 -11.83 5.29
N ARG A 138 14.03 -10.63 5.03
CA ARG A 138 12.61 -10.39 5.26
C ARG A 138 11.78 -10.88 4.06
N ASP A 139 10.78 -11.72 4.33
CA ASP A 139 10.05 -12.39 3.26
C ASP A 139 8.53 -12.31 3.41
N GLN A 140 8.07 -11.32 4.16
CA GLN A 140 6.66 -10.99 4.24
C GLN A 140 6.52 -9.50 4.03
N LEU A 141 5.55 -9.09 3.20
CA LEU A 141 5.33 -7.69 2.90
C LEU A 141 3.88 -7.35 3.22
N ILE A 142 3.70 -6.53 4.24
CA ILE A 142 2.39 -6.03 4.62
C ILE A 142 2.13 -4.77 3.79
N ILE A 143 1.02 -4.74 3.06
CA ILE A 143 0.77 -3.70 2.07
C ILE A 143 -0.46 -2.85 2.44
N THR A 144 -0.24 -1.54 2.52
CA THR A 144 -1.28 -0.55 2.79
C THR A 144 -1.17 0.57 1.75
N GLY A 145 -2.22 1.36 1.60
CA GLY A 145 -2.19 2.56 0.77
C GLY A 145 -3.18 2.59 -0.37
N VAL A 146 -2.86 3.35 -1.42
CA VAL A 146 -3.77 3.52 -2.54
C VAL A 146 -2.97 3.35 -3.83
N TYR A 147 -3.59 2.91 -4.93
CA TYR A 147 -4.96 2.45 -5.05
C TYR A 147 -4.98 0.92 -5.16
N ALA A 148 -5.97 0.30 -4.52
CA ALA A 148 -6.00 -1.16 -4.39
C ALA A 148 -5.84 -1.89 -5.72
N HIS A 149 -6.58 -1.51 -6.75
CA HIS A 149 -6.61 -2.33 -7.96
C HIS A 149 -5.42 -2.07 -8.89
N ILE A 150 -4.61 -1.07 -8.58
CA ILE A 150 -3.50 -0.72 -9.47
C ILE A 150 -2.16 -1.06 -8.82
N GLY A 151 -1.57 -0.11 -8.07
CA GLY A 151 -0.25 -0.30 -7.53
C GLY A 151 -0.21 -1.31 -6.39
N ILE A 152 -1.25 -1.35 -5.57
CA ILE A 152 -1.32 -2.33 -4.49
C ILE A 152 -1.33 -3.75 -5.09
N LEU A 153 -2.23 -4.00 -6.04
CA LEU A 153 -2.36 -5.31 -6.68
C LEU A 153 -1.06 -5.67 -7.41
N SER A 154 -0.50 -4.73 -8.16
CA SER A 154 0.69 -5.03 -8.96
C SER A 154 1.91 -5.32 -8.06
N THR A 155 2.01 -4.60 -6.94
CA THR A 155 3.09 -4.81 -5.98
C THR A 155 2.92 -6.19 -5.34
N ALA A 156 1.70 -6.54 -4.99
CA ALA A 156 1.41 -7.86 -4.41
C ALA A 156 1.77 -9.00 -5.38
N LEU A 157 1.43 -8.82 -6.64
CA LEU A 157 1.77 -9.80 -7.67
C LEU A 157 3.27 -10.01 -7.77
N ASP A 158 4.03 -8.92 -7.87
CA ASP A 158 5.48 -9.02 -7.96
C ASP A 158 6.01 -9.70 -6.67
N ALA A 159 5.56 -9.25 -5.50
CA ALA A 159 6.05 -9.83 -4.24
C ALA A 159 5.87 -11.34 -4.25
N PHE A 160 4.64 -11.79 -4.51
CA PHE A 160 4.28 -13.20 -4.54
C PHE A 160 5.17 -13.96 -5.50
N MET A 161 5.38 -13.44 -6.70
CA MET A 161 6.21 -14.10 -7.70
C MET A 161 7.70 -14.13 -7.32
N PHE A 162 8.09 -13.20 -6.47
CA PHE A 162 9.46 -13.13 -5.93
C PHE A 162 9.60 -13.89 -4.59
N ASP A 163 8.59 -14.67 -4.24
CA ASP A 163 8.64 -15.57 -3.07
C ASP A 163 8.52 -14.79 -1.74
N ILE A 164 7.87 -13.64 -1.81
CA ILE A 164 7.60 -12.79 -0.66
CA ILE A 164 7.59 -12.83 -0.64
C ILE A 164 6.10 -12.88 -0.40
N GLN A 165 5.70 -13.28 0.80
CA GLN A 165 4.28 -13.40 1.14
C GLN A 165 3.64 -12.01 1.26
N PRO A 166 2.63 -11.70 0.40
CA PRO A 166 1.97 -10.41 0.55
C PRO A 166 0.77 -10.50 1.49
N PHE A 167 0.68 -9.55 2.40
CA PHE A 167 -0.49 -9.39 3.26
C PHE A 167 -1.08 -8.04 2.98
N VAL A 168 -2.19 -8.03 2.24
CA VAL A 168 -2.83 -6.79 1.90
C VAL A 168 -3.90 -6.51 2.93
N ILE A 169 -3.85 -5.30 3.50
CA ILE A 169 -4.75 -4.97 4.60
C ILE A 169 -6.06 -4.41 4.00
N GLY A 170 -7.13 -5.18 4.17
CA GLY A 170 -8.38 -4.89 3.48
C GLY A 170 -8.98 -3.55 3.83
N ASP A 171 -8.88 -3.16 5.11
CA ASP A 171 -9.34 -1.85 5.54
C ASP A 171 -8.15 -0.91 5.78
N GLY A 172 -7.03 -1.22 5.11
CA GLY A 172 -5.83 -0.40 5.14
C GLY A 172 -5.40 0.01 3.74
N VAL A 173 -6.32 -0.11 2.79
CA VAL A 173 -6.12 0.38 1.43
C VAL A 173 -7.40 1.13 1.06
N ALA A 174 -7.36 1.87 -0.03
CA ALA A 174 -8.58 2.45 -0.63
C ALA A 174 -8.39 2.47 -2.14
N ASP A 175 -9.41 2.86 -2.86
CA ASP A 175 -9.45 2.67 -4.30
C ASP A 175 -10.41 3.67 -4.95
N PHE A 176 -10.58 3.55 -6.27
CA PHE A 176 -11.41 4.46 -7.04
C PHE A 176 -12.89 4.33 -6.70
N SER A 177 -13.27 3.17 -6.15
CA SER A 177 -14.65 2.88 -5.77
C SER A 177 -14.66 1.67 -4.85
N LEU A 178 -15.75 1.48 -4.13
CA LEU A 178 -15.94 0.28 -3.32
C LEU A 178 -15.87 -0.96 -4.19
N SER A 179 -16.45 -0.92 -5.39
CA SER A 179 -16.42 -2.08 -6.28
CA SER A 179 -16.42 -2.10 -6.27
C SER A 179 -14.99 -2.45 -6.65
N ASP A 180 -14.19 -1.46 -7.05
CA ASP A 180 -12.80 -1.74 -7.42
C ASP A 180 -12.04 -2.29 -6.19
N HIS A 181 -12.29 -1.69 -5.04
CA HIS A 181 -11.65 -2.08 -3.78
C HIS A 181 -11.96 -3.56 -3.47
N GLU A 182 -13.24 -3.91 -3.47
CA GLU A 182 -13.63 -5.27 -3.11
C GLU A 182 -13.18 -6.30 -4.13
N PHE A 183 -13.22 -5.97 -5.42
CA PHE A 183 -12.70 -6.88 -6.43
C PHE A 183 -11.20 -7.11 -6.22
N SER A 184 -10.48 -6.05 -5.87
CA SER A 184 -9.05 -6.18 -5.62
C SER A 184 -8.78 -7.20 -4.52
N LEU A 185 -9.53 -7.09 -3.42
CA LEU A 185 -9.31 -7.98 -2.29
C LEU A 185 -9.67 -9.42 -2.67
N ARG A 186 -10.75 -9.59 -3.43
CA ARG A 186 -11.12 -10.93 -3.88
C ARG A 186 -10.01 -11.54 -4.76
N TYR A 187 -9.46 -10.72 -5.65
CA TYR A 187 -8.41 -11.20 -6.54
C TYR A 187 -7.18 -11.63 -5.69
N ILE A 188 -6.80 -10.79 -4.76
CA ILE A 188 -5.63 -11.05 -3.95
CA ILE A 188 -5.65 -11.03 -3.90
C ILE A 188 -5.80 -12.34 -3.14
N SER A 189 -6.87 -12.45 -2.36
CA SER A 189 -7.05 -13.66 -1.57
CA SER A 189 -7.13 -13.67 -1.59
C SER A 189 -7.18 -14.91 -2.44
N GLY A 190 -7.71 -14.76 -3.66
CA GLY A 190 -7.86 -15.91 -4.52
C GLY A 190 -6.58 -16.31 -5.25
N ARG A 191 -5.65 -15.38 -5.46
CA ARG A 191 -4.57 -15.62 -6.40
C ARG A 191 -3.15 -15.21 -6.00
N THR A 192 -2.99 -14.25 -5.12
CA THR A 192 -1.65 -13.67 -4.97
C THR A 192 -1.27 -13.16 -3.58
N GLY A 193 -2.05 -13.47 -2.55
CA GLY A 193 -1.65 -13.08 -1.21
C GLY A 193 -2.69 -13.41 -0.17
N ALA A 194 -2.50 -12.89 1.03
CA ALA A 194 -3.48 -13.02 2.11
C ALA A 194 -4.07 -11.63 2.37
N VAL A 195 -5.38 -11.53 2.50
CA VAL A 195 -6.00 -10.29 2.93
C VAL A 195 -6.24 -10.38 4.44
N LYS A 196 -5.87 -9.35 5.17
CA LYS A 196 -6.06 -9.30 6.62
C LYS A 196 -6.74 -7.98 6.98
N SER A 197 -7.54 -7.96 8.04
CA SER A 197 -8.02 -6.71 8.59
C SER A 197 -6.89 -6.05 9.36
N THR A 198 -7.00 -4.74 9.56
CA THR A 198 -6.06 -4.02 10.42
C THR A 198 -6.01 -4.69 11.80
N GLN A 199 -7.19 -4.99 12.34
CA GLN A 199 -7.35 -5.66 13.62
C GLN A 199 -6.55 -6.98 13.69
N GLN A 200 -6.73 -7.83 12.69
CA GLN A 200 -6.10 -9.14 12.68
C GLN A 200 -4.58 -9.00 12.49
N ALA A 201 -4.17 -8.09 11.63
CA ALA A 201 -2.74 -7.88 11.40
C ALA A 201 -2.07 -7.42 12.68
N CYS A 202 -2.70 -6.46 13.38
CA CYS A 202 -2.14 -5.99 14.64
C CYS A 202 -2.01 -7.12 15.69
N LEU A 203 -3.01 -8.00 15.76
CA LEU A 203 -2.93 -9.14 16.67
C LEU A 203 -1.78 -10.09 16.26
N GLU A 204 -1.61 -10.34 14.96
CA GLU A 204 -0.52 -11.23 14.51
C GLU A 204 0.83 -10.60 14.76
N ILE A 205 0.93 -9.29 14.54
CA ILE A 205 2.16 -8.55 14.76
C ILE A 205 2.61 -8.60 16.22
N ALA A 206 1.66 -8.38 17.13
CA ALA A 206 1.97 -8.20 18.53
C ALA A 206 2.29 -9.54 19.17
N ALA A 207 1.82 -10.62 18.54
CA ALA A 207 2.06 -11.96 19.02
C ALA A 207 2.03 -12.00 20.53
C1 BOG B . -1.49 8.39 -11.89
O1 BOG B . -2.12 9.49 -11.31
C2 BOG B . 0.02 8.63 -11.94
O2 BOG B . 0.36 9.63 -12.84
C3 BOG B . 0.75 7.38 -12.41
O3 BOG B . 2.13 7.49 -12.26
C4 BOG B . 0.27 6.14 -11.67
O4 BOG B . 0.87 4.97 -12.15
C5 BOG B . -1.23 6.09 -11.76
O5 BOG B . -1.82 7.24 -11.17
C6 BOG B . -1.83 4.85 -11.15
O6 BOG B . -1.35 4.72 -9.87
C1' BOG B . -3.47 9.82 -11.55
C2' BOG B . -4.41 9.23 -10.48
C3' BOG B . -5.83 9.31 -11.03
C4' BOG B . -6.91 8.93 -9.99
C5' BOG B . -8.28 8.96 -10.70
C6' BOG B . -9.46 8.69 -9.78
C7' BOG B . -10.76 9.02 -10.52
C8' BOG B . -11.69 7.85 -10.57
H1 BOG B . -1.83 8.31 -12.79
H2 BOG B . 0.34 8.91 -11.07
HO2 BOG B . -0.37 10.13 -13.01
H3 BOG B . 0.57 7.28 -13.36
HO3 BOG B . 2.31 8.21 -11.75
H4 BOG B . 0.51 6.19 -10.72
HO4 BOG B . 1.13 4.47 -11.47
H5 BOG B . -1.44 6.05 -12.70
H61 BOG B . -1.58 4.07 -11.67
H62 BOG B . -2.80 4.93 -11.12
HO6 BOG B . -1.52 3.90 -9.57
H1'1 BOG B . -3.72 9.49 -12.42
H1'2 BOG B . -3.56 10.78 -11.54
H2'1 BOG B . -4.35 9.74 -9.65
H2'2 BOG B . -4.18 8.29 -10.29
H3'1 BOG B . -5.91 8.71 -11.79
H3'2 BOG B . -5.99 10.21 -11.32
H4'1 BOG B . -6.90 9.57 -9.25
H4'2 BOG B . -6.73 8.04 -9.65
H5'1 BOG B . -8.29 8.31 -11.42
H5'2 BOG B . -8.40 9.86 -11.10
H6'1 BOG B . -9.39 9.26 -9.00
H6'2 BOG B . -9.45 7.76 -9.51
H7'1 BOG B . -10.54 9.31 -11.42
H7'2 BOG B . -11.20 9.76 -10.05
H8'1 BOG B . -12.51 8.11 -11.04
H8'2 BOG B . -11.91 7.58 -9.66
H8'3 BOG B . -11.27 7.11 -11.04
C1 PGE C . -10.94 -0.78 -15.25
O1 PGE C . -11.74 0.22 -15.78
C2 PGE C . -11.47 -1.14 -13.90
O2 PGE C . -10.87 -2.27 -13.37
C3 PGE C . -11.20 -2.62 -12.04
C4 PGE C . -10.21 -3.59 -11.48
O4 PGE C . -8.44 -7.04 -10.14
C6 PGE C . -9.45 -6.27 -10.67
C5 PGE C . -9.85 -5.22 -9.70
O3 PGE C . -10.63 -4.22 -10.30
H1 PGE C . -10.03 -0.46 -15.16
H12 PGE C . -10.95 -1.56 -15.83
HO1 PGE C . -11.40 0.50 -16.55
H2 PGE C . -12.43 -1.32 -13.99
H22 PGE C . -11.35 -0.40 -13.30
H3 PGE C . -12.09 -3.02 -12.04
H32 PGE C . -11.20 -1.82 -11.50
H4 PGE C . -9.38 -3.12 -11.30
H42 PGE C . -10.01 -4.27 -12.14
HO4 PGE C . -8.14 -7.61 -10.75
H6 PGE C . -10.21 -6.83 -10.89
H62 PGE C . -9.12 -5.84 -11.49
H5 PGE C . -9.05 -4.81 -9.33
H52 PGE C . -10.36 -5.64 -8.97
C1 EDO D . 13.46 3.51 -6.32
O1 EDO D . 14.66 3.50 -7.15
C2 EDO D . 13.84 3.62 -4.83
O2 EDO D . 14.45 4.84 -4.40
H11 EDO D . 12.89 2.61 -6.50
H12 EDO D . 12.85 4.37 -6.60
HO1 EDO D . 14.41 3.43 -8.08
H21 EDO D . 14.51 2.78 -4.60
H22 EDO D . 12.93 3.46 -4.25
HO2 EDO D . 14.64 4.78 -3.44
C1 PEG E . -6.30 14.12 6.24
O1 PEG E . -6.35 13.86 7.61
C2 PEG E . -4.89 14.29 5.77
O2 PEG E . -4.86 14.51 4.41
C3 PEG E . -4.61 15.79 3.94
C4 PEG E . -4.03 15.74 2.57
O4 PEG E . -3.84 17.03 2.11
H11 PEG E . -6.80 14.94 6.06
H12 PEG E . -6.71 13.39 5.77
HO1 PEG E . -7.20 13.80 7.86
H21 PEG E . -4.37 13.49 5.99
H22 PEG E . -4.51 15.06 6.22
H31 PEG E . -3.99 16.24 4.54
H32 PEG E . -5.45 16.28 3.93
H41 PEG E . -4.64 15.27 1.97
H42 PEG E . -3.17 15.27 2.59
HO4 PEG E . -3.52 17.00 1.28
CA CA F . -1.74 2.96 -7.61
#